data_3DI1
#
_entry.id   3DI1
#
_cell.length_a   117.440
_cell.length_b   117.440
_cell.length_c   182.616
_cell.angle_alpha   90.00
_cell.angle_beta   90.00
_cell.angle_gamma   120.00
#
_symmetry.space_group_name_H-M   'P 64 2 2'
#
loop_
_entity.id
_entity.type
_entity.pdbx_description
1 polymer 'Dihydrodipicolinate synthase'
2 non-polymer 'PYRUVIC ACID'
3 water water
#
_entity_poly.entity_id   1
_entity_poly.type   'polypeptide(L)'
_entity_poly.pdbx_seq_one_letter_code
;MTHLFEGVGVALTTPFTNNKVNIEALKTHVNFLLENNAQAIIVNGTTAESPTLTTDEKERILKTVIDLVDKRVPVIAGTG
TNDTEKSIQASIQAKALGADAIMLITPYYNKTNQRGLVKHFEAIADAVKLPVVLYNVPSRTNMTIEPETVEILSQHPYIV
ALKDATNDFEYLEEVKKRIDTNSFALYSGNDDNVVEYYQRGGQGVISVIANVIPKEFQALYDAQQSGLDIQDQFKPIGTL
LSALSVDINPIPIKALTSYLGFGNYELRLPLVSLEDTDTKVLRETYDTFKAGENE
;
_entity_poly.pdbx_strand_id   A,B
#
loop_
_chem_comp.id
_chem_comp.type
_chem_comp.name
_chem_comp.formula
PYR non-polymer 'PYRUVIC ACID' 'C3 H4 O3'
#
# COMPACT_ATOMS: atom_id res chain seq x y z
N THR A 2 15.48 -29.57 -0.56
CA THR A 2 15.79 -28.43 0.40
C THR A 2 15.05 -27.05 0.20
N HIS A 3 14.98 -26.51 -1.03
CA HIS A 3 14.03 -25.40 -1.28
C HIS A 3 12.59 -25.86 -1.10
N LEU A 4 11.67 -24.94 -0.84
CA LEU A 4 10.26 -25.33 -0.76
C LEU A 4 9.80 -26.01 -2.04
N PHE A 5 10.20 -25.46 -3.18
CA PHE A 5 9.88 -26.02 -4.50
C PHE A 5 10.87 -25.43 -5.49
N GLU A 6 10.87 -25.98 -6.70
CA GLU A 6 11.59 -25.43 -7.83
C GLU A 6 10.64 -25.49 -9.02
N GLY A 7 10.67 -24.49 -9.89
CA GLY A 7 9.78 -24.50 -11.03
C GLY A 7 8.64 -23.57 -10.70
N VAL A 8 7.46 -23.91 -11.21
CA VAL A 8 6.33 -23.00 -11.16
C VAL A 8 5.45 -23.18 -9.94
N GLY A 9 5.36 -22.12 -9.13
CA GLY A 9 4.33 -21.99 -8.12
C GLY A 9 3.27 -21.08 -8.69
N VAL A 10 2.03 -21.27 -8.26
CA VAL A 10 0.91 -20.47 -8.80
C VAL A 10 0.40 -19.53 -7.73
N ALA A 11 0.35 -18.23 -8.06
CA ALA A 11 -0.33 -17.22 -7.29
C ALA A 11 -1.83 -17.33 -7.56
N LEU A 12 -2.48 -18.23 -6.82
CA LEU A 12 -3.86 -18.63 -7.00
C LEU A 12 -4.83 -17.45 -6.87
N THR A 13 -5.67 -17.29 -7.89
CA THR A 13 -6.78 -16.34 -7.87
C THR A 13 -7.91 -16.79 -6.94
N THR A 14 -8.72 -15.85 -6.47
CA THR A 14 -9.89 -16.17 -5.66
C THR A 14 -11.13 -16.21 -6.54
N PRO A 15 -11.78 -17.40 -6.62
CA PRO A 15 -13.00 -17.51 -7.40
C PRO A 15 -14.19 -16.90 -6.64
N PHE A 16 -14.87 -15.91 -7.25
CA PHE A 16 -16.02 -15.25 -6.64
C PHE A 16 -17.27 -15.61 -7.42
N THR A 17 -18.38 -15.62 -6.72
CA THR A 17 -19.61 -15.95 -7.32
C THR A 17 -20.63 -15.04 -6.67
N ASN A 18 -21.09 -14.03 -7.37
CA ASN A 18 -21.95 -13.01 -6.76
C ASN A 18 -21.28 -12.39 -5.52
N ASN A 19 -19.98 -12.15 -5.63
CA ASN A 19 -19.14 -11.60 -4.55
C ASN A 19 -18.76 -12.53 -3.41
N LYS A 20 -19.19 -13.79 -3.48
CA LYS A 20 -18.90 -14.72 -2.45
C LYS A 20 -17.78 -15.65 -2.90
N VAL A 21 -16.88 -15.98 -1.98
CA VAL A 21 -15.90 -17.03 -2.28
C VAL A 21 -16.62 -18.32 -2.61
N ASN A 22 -16.29 -18.87 -3.77
CA ASN A 22 -16.90 -20.12 -4.20
C ASN A 22 -15.95 -21.29 -3.93
N ILE A 23 -16.22 -22.03 -2.86
CA ILE A 23 -15.33 -23.08 -2.38
C ILE A 23 -15.24 -24.24 -3.36
N GLU A 24 -16.35 -24.58 -3.97
CA GLU A 24 -16.31 -25.66 -4.95
C GLU A 24 -15.46 -25.31 -6.16
N ALA A 25 -15.53 -24.07 -6.66
CA ALA A 25 -14.69 -23.65 -7.77
C ALA A 25 -13.26 -23.63 -7.32
N LEU A 26 -13.06 -23.20 -6.06
CA LEU A 26 -11.72 -23.10 -5.51
C LEU A 26 -11.06 -24.49 -5.57
N LYS A 27 -11.80 -25.52 -5.16
CA LYS A 27 -11.29 -26.89 -5.17
C LYS A 27 -10.99 -27.40 -6.58
N THR A 28 -11.91 -27.16 -7.51
CA THR A 28 -11.70 -27.50 -8.91
C THR A 28 -10.47 -26.83 -9.52
N HIS A 29 -10.25 -25.57 -9.17
CA HIS A 29 -9.09 -24.87 -9.68
C HIS A 29 -7.79 -25.47 -9.10
N VAL A 30 -7.72 -25.68 -7.79
CA VAL A 30 -6.55 -26.28 -7.19
C VAL A 30 -6.29 -27.67 -7.77
N ASN A 31 -7.32 -28.51 -7.90
CA ASN A 31 -7.15 -29.83 -8.51
C ASN A 31 -6.55 -29.74 -9.92
N PHE A 32 -7.12 -28.83 -10.70
CA PHE A 32 -6.63 -28.55 -12.05
C PHE A 32 -5.15 -28.14 -12.01
N LEU A 33 -4.79 -27.28 -11.09
CA LEU A 33 -3.39 -26.93 -10.90
C LEU A 33 -2.48 -28.12 -10.54
N LEU A 34 -2.92 -28.97 -9.60
CA LEU A 34 -2.10 -30.10 -9.17
C LEU A 34 -1.98 -31.12 -10.29
N GLU A 35 -3.08 -31.39 -10.99
CA GLU A 35 -3.08 -32.36 -12.08
C GLU A 35 -2.25 -31.90 -13.26
N ASN A 36 -2.02 -30.60 -13.34
CA ASN A 36 -1.23 -30.03 -14.40
C ASN A 36 0.17 -29.59 -13.98
N ASN A 37 0.65 -30.16 -12.88
CA ASN A 37 2.05 -30.06 -12.55
C ASN A 37 2.50 -28.82 -11.85
N ALA A 38 1.57 -28.05 -11.29
CA ALA A 38 1.98 -26.94 -10.46
C ALA A 38 2.92 -27.47 -9.35
N GLN A 39 4.00 -26.74 -9.07
CA GLN A 39 4.96 -27.18 -8.06
C GLN A 39 4.67 -26.67 -6.64
N ALA A 40 3.78 -25.70 -6.51
CA ALA A 40 3.46 -25.05 -5.23
C ALA A 40 2.21 -24.18 -5.49
N ILE A 41 1.45 -23.95 -4.43
CA ILE A 41 0.30 -23.03 -4.48
C ILE A 41 0.59 -21.92 -3.48
N ILE A 42 0.68 -20.68 -3.99
CA ILE A 42 0.73 -19.49 -3.16
C ILE A 42 -0.72 -18.98 -2.97
N VAL A 43 -1.20 -19.01 -1.73
CA VAL A 43 -2.60 -18.66 -1.41
C VAL A 43 -2.68 -17.26 -0.79
N ASN A 44 -3.70 -16.49 -1.17
CA ASN A 44 -3.96 -15.14 -0.63
C ASN A 44 -2.82 -14.15 -0.95
N GLY A 45 -2.27 -14.24 -2.16
CA GLY A 45 -1.27 -13.30 -2.63
C GLY A 45 -2.01 -12.12 -3.24
N THR A 46 -1.26 -11.29 -3.94
CA THR A 46 -1.81 -10.13 -4.63
C THR A 46 -2.83 -10.61 -5.65
N THR A 47 -2.44 -11.68 -6.35
CA THR A 47 -3.24 -12.21 -7.46
C THR A 47 -4.58 -12.72 -6.93
N ALA A 48 -4.62 -13.09 -5.64
CA ALA A 48 -5.86 -13.50 -4.93
C ALA A 48 -6.75 -12.32 -4.44
N GLU A 49 -6.33 -11.09 -4.70
CA GLU A 49 -7.02 -9.93 -4.19
C GLU A 49 -7.04 -9.91 -2.66
N SER A 50 -5.99 -10.38 -2.00
CA SER A 50 -5.92 -10.40 -0.54
C SER A 50 -6.32 -9.07 0.14
N PRO A 51 -5.95 -7.92 -0.46
CA PRO A 51 -6.37 -6.67 0.20
C PRO A 51 -7.87 -6.48 0.41
N THR A 52 -8.72 -7.16 -0.38
CA THR A 52 -10.19 -7.01 -0.30
C THR A 52 -10.86 -8.23 0.31
N LEU A 53 -10.06 -9.23 0.68
CA LEU A 53 -10.58 -10.41 1.37
C LEU A 53 -10.72 -10.12 2.84
N THR A 54 -11.81 -10.57 3.43
CA THR A 54 -11.92 -10.51 4.88
C THR A 54 -11.00 -11.55 5.47
N THR A 55 -10.70 -11.43 6.76
CA THR A 55 -9.87 -12.42 7.44
C THR A 55 -10.49 -13.83 7.42
N ASP A 56 -11.79 -13.92 7.73
CA ASP A 56 -12.57 -15.16 7.63
C ASP A 56 -12.39 -15.82 6.26
N GLU A 57 -12.63 -15.04 5.19
CA GLU A 57 -12.40 -15.49 3.83
C GLU A 57 -11.00 -16.05 3.61
N LYS A 58 -9.97 -15.29 3.96
CA LYS A 58 -8.61 -15.79 3.82
C LYS A 58 -8.39 -17.13 4.53
N GLU A 59 -8.95 -17.27 5.73
CA GLU A 59 -8.82 -18.50 6.52
C GLU A 59 -9.60 -19.69 5.94
N ARG A 60 -10.81 -19.44 5.43
CA ARG A 60 -11.62 -20.48 4.80
C ARG A 60 -10.94 -20.98 3.53
N ILE A 61 -10.43 -20.03 2.76
CA ILE A 61 -9.74 -20.36 1.52
C ILE A 61 -8.46 -21.12 1.85
N LEU A 62 -7.67 -20.58 2.78
CA LEU A 62 -6.41 -21.23 3.08
C LEU A 62 -6.61 -22.66 3.62
N LYS A 63 -7.60 -22.87 4.49
CA LYS A 63 -7.80 -24.19 5.07
C LYS A 63 -8.25 -25.21 4.00
N THR A 64 -9.11 -24.73 3.12
CA THR A 64 -9.57 -25.48 1.98
C THR A 64 -8.40 -25.92 1.07
N VAL A 65 -7.52 -25.00 0.74
CA VAL A 65 -6.39 -25.35 -0.11
C VAL A 65 -5.50 -26.39 0.59
N ILE A 66 -5.20 -26.13 1.86
CA ILE A 66 -4.37 -27.02 2.65
C ILE A 66 -4.97 -28.42 2.70
N ASP A 67 -6.26 -28.54 3.03
CA ASP A 67 -6.86 -29.87 3.24
C ASP A 67 -7.00 -30.60 1.92
N LEU A 68 -7.25 -29.85 0.85
CA LEU A 68 -7.35 -30.48 -0.46
C LEU A 68 -5.96 -30.91 -1.00
N VAL A 69 -4.97 -30.03 -0.94
CA VAL A 69 -3.62 -30.38 -1.42
C VAL A 69 -3.09 -31.59 -0.65
N ASP A 70 -3.31 -31.64 0.66
CA ASP A 70 -2.96 -32.83 1.46
C ASP A 70 -1.47 -33.13 1.33
N LYS A 71 -0.63 -32.10 1.42
CA LYS A 71 0.84 -32.28 1.36
C LYS A 71 1.44 -32.76 0.03
N ARG A 72 0.66 -32.75 -1.04
CA ARG A 72 1.21 -33.17 -2.33
C ARG A 72 2.18 -32.12 -2.90
N VAL A 73 1.92 -30.84 -2.63
CA VAL A 73 2.89 -29.77 -2.92
C VAL A 73 2.83 -28.78 -1.76
N PRO A 74 3.82 -27.87 -1.65
CA PRO A 74 3.76 -26.87 -0.56
C PRO A 74 2.63 -25.87 -0.71
N VAL A 75 1.98 -25.57 0.42
CA VAL A 75 1.00 -24.50 0.45
C VAL A 75 1.61 -23.30 1.16
N ILE A 76 1.78 -22.21 0.44
CA ILE A 76 2.46 -21.02 0.95
C ILE A 76 1.39 -19.95 1.09
N ALA A 77 1.19 -19.51 2.34
CA ALA A 77 0.13 -18.56 2.69
C ALA A 77 0.70 -17.13 2.65
N GLY A 78 0.05 -16.24 1.90
CA GLY A 78 0.40 -14.82 1.93
C GLY A 78 -0.19 -14.25 3.21
N THR A 79 0.65 -13.74 4.11
CA THR A 79 0.15 -13.32 5.43
C THR A 79 0.66 -11.93 5.84
N GLY A 80 1.69 -11.47 5.15
CA GLY A 80 2.30 -10.18 5.44
C GLY A 80 1.49 -8.98 4.92
N THR A 81 1.44 -7.94 5.75
CA THR A 81 0.90 -6.66 5.39
C THR A 81 1.94 -5.58 5.76
N ASN A 82 1.46 -4.35 5.88
CA ASN A 82 2.28 -3.20 6.21
C ASN A 82 2.20 -2.89 7.71
N ASP A 83 1.64 -3.86 8.43
CA ASP A 83 1.51 -3.81 9.89
C ASP A 83 2.15 -5.10 10.47
N THR A 84 3.28 -4.97 11.19
CA THR A 84 4.07 -6.09 11.71
C THR A 84 3.24 -6.99 12.64
N GLU A 85 2.60 -6.39 13.62
CA GLU A 85 1.76 -7.11 14.54
C GLU A 85 0.69 -7.98 13.87
N LYS A 86 -0.11 -7.39 12.98
CA LYS A 86 -1.10 -8.18 12.26
C LYS A 86 -0.47 -9.22 11.34
N SER A 87 0.70 -8.93 10.77
CA SER A 87 1.37 -9.92 9.94
C SER A 87 1.80 -11.11 10.80
N ILE A 88 2.20 -10.85 12.04
CA ILE A 88 2.56 -11.89 13.00
C ILE A 88 1.32 -12.72 13.33
N GLN A 89 0.22 -12.07 13.73
CA GLN A 89 -1.01 -12.81 14.00
C GLN A 89 -1.41 -13.68 12.82
N ALA A 90 -1.50 -13.08 11.63
CA ALA A 90 -1.96 -13.79 10.47
C ALA A 90 -1.01 -14.95 10.12
N SER A 91 0.29 -14.75 10.28
CA SER A 91 1.26 -15.86 10.04
C SER A 91 1.09 -17.02 11.02
N ILE A 92 0.84 -16.68 12.28
CA ILE A 92 0.58 -17.69 13.29
C ILE A 92 -0.70 -18.49 12.98
N GLN A 93 -1.76 -17.83 12.54
CA GLN A 93 -2.96 -18.57 12.13
C GLN A 93 -2.68 -19.50 10.91
N ALA A 94 -1.86 -19.04 9.97
CA ALA A 94 -1.54 -19.83 8.80
C ALA A 94 -0.77 -21.08 9.23
N LYS A 95 0.21 -20.91 10.12
CA LYS A 95 0.92 -22.02 10.67
C LYS A 95 -0.03 -23.03 11.32
N ALA A 96 -0.91 -22.55 12.18
CA ALA A 96 -1.86 -23.41 12.89
C ALA A 96 -2.79 -24.13 11.92
N LEU A 97 -3.20 -23.48 10.83
CA LEU A 97 -4.07 -24.13 9.82
C LEU A 97 -3.32 -25.20 9.00
N GLY A 98 -1.99 -25.13 9.00
CA GLY A 98 -1.18 -26.16 8.36
C GLY A 98 -0.37 -25.72 7.17
N ALA A 99 -0.20 -24.41 6.97
CA ALA A 99 0.58 -23.90 5.83
C ALA A 99 2.02 -24.39 5.95
N ASP A 100 2.70 -24.58 4.82
CA ASP A 100 4.06 -25.08 4.84
C ASP A 100 5.04 -23.93 4.92
N ALA A 101 4.56 -22.75 4.55
CA ALA A 101 5.38 -21.55 4.55
C ALA A 101 4.45 -20.36 4.50
N ILE A 102 5.03 -19.20 4.73
CA ILE A 102 4.30 -17.96 4.58
C ILE A 102 5.04 -17.01 3.62
N MET A 103 4.29 -16.15 2.94
CA MET A 103 4.90 -15.16 2.08
C MET A 103 4.69 -13.78 2.68
N LEU A 104 5.77 -13.00 2.77
CA LEU A 104 5.69 -11.65 3.36
C LEU A 104 6.19 -10.58 2.40
N ILE A 105 5.28 -9.75 1.96
CA ILE A 105 5.65 -8.61 1.13
C ILE A 105 6.38 -7.56 2.02
N THR A 106 7.25 -6.75 1.44
CA THR A 106 7.66 -5.51 2.15
C THR A 106 6.44 -4.62 2.55
N PRO A 107 6.63 -3.75 3.55
CA PRO A 107 5.57 -2.76 3.78
C PRO A 107 5.36 -1.88 2.55
N TYR A 108 4.24 -1.15 2.54
CA TYR A 108 3.81 -0.39 1.39
C TYR A 108 2.88 0.63 2.00
N TYR A 109 2.77 1.76 1.32
CA TYR A 109 2.01 2.93 1.81
C TYR A 109 2.78 3.64 2.92
N ASN A 110 2.87 3.06 4.12
CA ASN A 110 3.73 3.60 5.15
C ASN A 110 5.22 3.47 4.77
N LYS A 111 5.56 2.35 4.12
CA LYS A 111 6.91 1.94 3.83
C LYS A 111 7.75 1.80 5.12
N THR A 112 9.05 1.58 4.95
CA THR A 112 9.98 1.75 6.04
C THR A 112 11.41 1.91 5.48
N ASN A 113 12.38 2.16 6.35
CA ASN A 113 13.79 2.08 5.96
C ASN A 113 14.30 0.63 5.97
N GLN A 114 15.55 0.43 5.56
CA GLN A 114 16.08 -0.94 5.44
C GLN A 114 16.24 -1.56 6.83
N ARG A 115 16.65 -0.78 7.80
CA ARG A 115 16.78 -1.25 9.18
C ARG A 115 15.42 -1.65 9.76
N GLY A 116 14.38 -0.88 9.46
CA GLY A 116 13.03 -1.26 9.87
C GLY A 116 12.55 -2.53 9.17
N LEU A 117 12.93 -2.65 7.90
CA LEU A 117 12.55 -3.77 7.07
C LEU A 117 13.04 -5.06 7.72
N VAL A 118 14.32 -5.06 8.15
CA VAL A 118 14.89 -6.24 8.79
C VAL A 118 14.12 -6.50 10.07
N LYS A 119 13.89 -5.46 10.88
CA LYS A 119 13.19 -5.67 12.14
C LYS A 119 11.82 -6.30 11.93
N HIS A 120 11.12 -5.82 10.90
CA HIS A 120 9.82 -6.29 10.54
C HIS A 120 9.83 -7.75 10.08
N PHE A 121 10.66 -8.07 9.09
CA PHE A 121 10.73 -9.46 8.64
C PHE A 121 11.20 -10.39 9.78
N GLU A 122 12.23 -9.99 10.51
CA GLU A 122 12.80 -10.85 11.53
C GLU A 122 11.82 -11.07 12.67
N ALA A 123 11.09 -10.03 13.06
CA ALA A 123 10.04 -10.20 14.07
C ALA A 123 9.01 -11.24 13.66
N ILE A 124 8.59 -11.24 12.40
CA ILE A 124 7.59 -12.20 11.93
C ILE A 124 8.16 -13.62 11.89
N ALA A 125 9.35 -13.76 11.34
CA ALA A 125 10.03 -15.04 11.23
C ALA A 125 10.26 -15.66 12.61
N ASP A 126 10.75 -14.88 13.57
CA ASP A 126 10.97 -15.36 14.94
C ASP A 126 9.69 -15.80 15.59
N ALA A 127 8.64 -15.03 15.38
CA ALA A 127 7.37 -15.34 15.99
C ALA A 127 6.72 -16.60 15.41
N VAL A 128 6.79 -16.81 14.09
CA VAL A 128 6.09 -17.92 13.44
C VAL A 128 6.92 -19.20 13.37
N LYS A 129 8.22 -19.09 13.16
CA LYS A 129 9.10 -20.28 13.12
C LYS A 129 8.57 -21.24 12.06
N LEU A 130 8.46 -20.70 10.86
CA LEU A 130 8.03 -21.42 9.70
C LEU A 130 8.79 -20.80 8.53
N PRO A 131 9.11 -21.61 7.50
CA PRO A 131 9.76 -21.10 6.29
C PRO A 131 9.04 -19.86 5.72
N VAL A 132 9.81 -18.81 5.44
CA VAL A 132 9.31 -17.53 4.99
C VAL A 132 9.86 -17.25 3.58
N VAL A 133 8.99 -16.76 2.72
CA VAL A 133 9.34 -16.31 1.39
C VAL A 133 9.15 -14.78 1.40
N LEU A 134 10.24 -14.04 1.24
CA LEU A 134 10.19 -12.60 1.07
C LEU A 134 9.54 -12.27 -0.28
N TYR A 135 8.93 -11.11 -0.37
CA TYR A 135 8.27 -10.72 -1.61
C TYR A 135 8.58 -9.25 -1.86
N ASN A 136 9.32 -8.99 -2.93
CA ASN A 136 9.73 -7.65 -3.26
C ASN A 136 9.13 -7.28 -4.60
N VAL A 137 8.25 -6.28 -4.57
CA VAL A 137 7.62 -5.79 -5.80
C VAL A 137 7.55 -4.27 -5.80
N PRO A 138 8.64 -3.58 -6.16
CA PRO A 138 8.63 -2.11 -6.04
C PRO A 138 7.57 -1.34 -6.87
N SER A 139 7.06 -1.93 -7.96
CA SER A 139 6.04 -1.25 -8.76
C SER A 139 4.73 -1.15 -7.95
N ARG A 140 4.59 -1.96 -6.92
CA ARG A 140 3.42 -1.86 -6.06
C ARG A 140 3.73 -1.18 -4.70
N THR A 141 4.98 -1.23 -4.25
CA THR A 141 5.29 -0.82 -2.89
C THR A 141 6.09 0.49 -2.87
N ASN A 142 6.74 0.82 -3.99
CA ASN A 142 7.69 1.94 -4.08
C ASN A 142 8.80 1.85 -3.01
N MET A 143 9.11 0.63 -2.59
CA MET A 143 10.31 0.41 -1.82
C MET A 143 10.90 -0.92 -2.29
N THR A 144 12.08 -1.24 -1.79
CA THR A 144 12.77 -2.46 -2.21
C THR A 144 13.40 -3.11 -0.99
N ILE A 145 13.83 -4.35 -1.17
CA ILE A 145 14.70 -5.02 -0.22
C ILE A 145 16.05 -4.96 -0.87
N GLU A 146 16.89 -4.04 -0.41
CA GLU A 146 18.20 -3.87 -1.00
C GLU A 146 18.99 -5.18 -0.97
N PRO A 147 19.89 -5.40 -1.96
CA PRO A 147 20.72 -6.61 -1.94
C PRO A 147 21.40 -6.91 -0.58
N GLU A 148 21.99 -5.90 0.08
CA GLU A 148 22.61 -6.10 1.40
C GLU A 148 21.58 -6.50 2.43
N THR A 149 20.36 -6.02 2.25
CA THR A 149 19.28 -6.38 3.15
C THR A 149 18.84 -7.84 2.97
N VAL A 150 18.82 -8.31 1.72
CA VAL A 150 18.53 -9.69 1.44
C VAL A 150 19.59 -10.59 2.05
N GLU A 151 20.82 -10.11 2.11
CA GLU A 151 21.89 -10.90 2.66
C GLU A 151 21.67 -11.10 4.16
N ILE A 152 21.41 -10.01 4.85
CA ILE A 152 21.11 -10.06 6.27
C ILE A 152 19.94 -11.01 6.60
N LEU A 153 18.88 -10.90 5.81
CA LEU A 153 17.66 -11.67 5.99
C LEU A 153 17.85 -13.16 5.63
N SER A 154 18.63 -13.43 4.59
CA SER A 154 18.81 -14.80 4.14
C SER A 154 19.56 -15.64 5.18
N GLN A 155 20.17 -14.97 6.16
CA GLN A 155 20.88 -15.66 7.23
C GLN A 155 19.96 -16.05 8.36
N HIS A 156 18.74 -15.52 8.35
CA HIS A 156 17.70 -16.09 9.18
C HIS A 156 17.38 -17.55 8.81
N PRO A 157 17.46 -18.45 9.81
CA PRO A 157 17.20 -19.85 9.57
C PRO A 157 15.84 -20.07 8.87
N TYR A 158 14.85 -19.22 9.17
CA TYR A 158 13.47 -19.41 8.72
C TYR A 158 13.13 -18.62 7.48
N ILE A 159 14.01 -17.73 7.06
CA ILE A 159 13.78 -16.98 5.84
C ILE A 159 14.54 -17.64 4.69
N VAL A 160 13.80 -18.26 3.78
CA VAL A 160 14.39 -19.23 2.86
C VAL A 160 14.35 -18.79 1.40
N ALA A 161 13.64 -17.72 1.06
CA ALA A 161 13.48 -17.42 -0.36
C ALA A 161 13.02 -16.00 -0.58
N LEU A 162 13.13 -15.57 -1.83
CA LEU A 162 12.72 -14.24 -2.23
C LEU A 162 11.86 -14.36 -3.47
N LYS A 163 10.63 -13.85 -3.39
CA LYS A 163 9.88 -13.65 -4.64
C LYS A 163 10.30 -12.29 -5.17
N ASP A 164 11.06 -12.29 -6.25
CA ASP A 164 11.71 -11.10 -6.79
C ASP A 164 10.95 -10.57 -8.01
N ALA A 165 10.15 -9.53 -7.80
CA ALA A 165 9.38 -8.94 -8.89
C ALA A 165 9.92 -7.56 -9.26
N THR A 166 11.24 -7.37 -9.10
CA THR A 166 11.87 -6.12 -9.53
C THR A 166 12.05 -6.05 -11.06
N ASN A 167 12.10 -7.22 -11.72
CA ASN A 167 12.40 -7.25 -13.15
C ASN A 167 13.70 -6.49 -13.45
N ASP A 168 14.72 -6.70 -12.61
CA ASP A 168 15.97 -5.93 -12.66
C ASP A 168 17.06 -6.97 -12.50
N PHE A 169 17.78 -7.25 -13.58
CA PHE A 169 18.77 -8.30 -13.62
C PHE A 169 20.12 -7.86 -13.09
N GLU A 170 20.34 -6.55 -12.98
CA GLU A 170 21.45 -6.02 -12.22
C GLU A 170 21.22 -6.37 -10.76
N TYR A 171 20.02 -6.07 -10.26
CA TYR A 171 19.62 -6.44 -8.92
C TYR A 171 19.73 -7.96 -8.66
N LEU A 172 19.18 -8.77 -9.56
CA LEU A 172 19.36 -10.22 -9.51
C LEU A 172 20.84 -10.66 -9.32
N GLU A 173 21.76 -10.04 -10.06
CA GLU A 173 23.16 -10.41 -9.92
C GLU A 173 23.77 -9.89 -8.60
N GLU A 174 23.28 -8.79 -8.07
CA GLU A 174 23.83 -8.32 -6.79
C GLU A 174 23.37 -9.23 -5.65
N VAL A 175 22.13 -9.70 -5.74
CA VAL A 175 21.60 -10.63 -4.76
C VAL A 175 22.29 -12.00 -4.83
N LYS A 176 22.53 -12.49 -6.03
CA LYS A 176 23.13 -13.79 -6.23
C LYS A 176 24.47 -13.91 -5.52
N LYS A 177 25.25 -12.85 -5.54
CA LYS A 177 26.58 -12.94 -4.99
C LYS A 177 26.61 -12.69 -3.48
N ARG A 178 25.46 -12.57 -2.86
CA ARG A 178 25.41 -12.33 -1.43
C ARG A 178 24.66 -13.41 -0.67
N ILE A 179 24.10 -14.36 -1.42
CA ILE A 179 23.34 -15.47 -0.84
C ILE A 179 23.95 -16.79 -1.33
N ASP A 180 23.66 -17.89 -0.62
CA ASP A 180 23.99 -19.24 -1.07
C ASP A 180 22.70 -19.87 -1.65
N THR A 181 22.61 -20.11 -2.96
CA THR A 181 21.32 -20.67 -3.49
C THR A 181 21.07 -22.11 -3.14
N ASN A 182 21.97 -22.73 -2.38
CA ASN A 182 21.70 -24.07 -1.88
C ASN A 182 20.63 -24.00 -0.79
N SER A 183 20.67 -22.92 -0.01
CA SER A 183 19.76 -22.76 1.08
C SER A 183 18.75 -21.63 0.88
N PHE A 184 19.01 -20.71 -0.06
CA PHE A 184 18.14 -19.53 -0.30
C PHE A 184 17.70 -19.40 -1.79
N ALA A 185 16.42 -19.63 -2.06
CA ALA A 185 15.87 -19.76 -3.42
C ALA A 185 15.41 -18.40 -4.00
N LEU A 186 15.80 -18.11 -5.25
CA LEU A 186 15.26 -16.93 -5.94
C LEU A 186 14.15 -17.27 -6.95
N TYR A 187 12.93 -16.79 -6.68
CA TYR A 187 11.80 -16.98 -7.57
C TYR A 187 11.40 -15.68 -8.26
N SER A 188 11.26 -15.72 -9.57
CA SER A 188 10.80 -14.57 -10.31
C SER A 188 9.40 -14.32 -9.85
N GLY A 189 9.03 -13.04 -9.75
CA GLY A 189 7.63 -12.69 -9.55
C GLY A 189 7.07 -12.00 -10.78
N ASN A 190 7.69 -12.21 -11.94
CA ASN A 190 7.21 -11.61 -13.19
C ASN A 190 7.25 -12.65 -14.35
N ASP A 191 6.09 -13.15 -14.75
CA ASP A 191 6.01 -14.20 -15.76
C ASP A 191 6.85 -13.93 -16.99
N ASP A 192 7.04 -12.68 -17.38
CA ASP A 192 7.64 -12.55 -18.70
C ASP A 192 9.12 -12.44 -18.74
N ASN A 193 9.74 -12.48 -17.56
CA ASN A 193 11.19 -12.47 -17.50
C ASN A 193 11.78 -13.87 -17.29
N VAL A 194 10.94 -14.90 -17.30
CA VAL A 194 11.40 -16.23 -16.90
C VAL A 194 12.50 -16.84 -17.78
N VAL A 195 12.52 -16.51 -19.07
CA VAL A 195 13.59 -17.07 -19.92
C VAL A 195 14.91 -16.61 -19.33
N GLU A 196 15.06 -15.32 -19.13
CA GLU A 196 16.35 -14.83 -18.67
C GLU A 196 16.52 -15.16 -17.18
N TYR A 197 15.42 -15.11 -16.43
CA TYR A 197 15.49 -15.45 -15.00
C TYR A 197 16.05 -16.86 -14.78
N TYR A 198 15.60 -17.82 -15.57
CA TYR A 198 16.11 -19.17 -15.51
C TYR A 198 17.57 -19.27 -15.97
N GLN A 199 17.90 -18.60 -17.07
CA GLN A 199 19.27 -18.61 -17.59
C GLN A 199 20.25 -18.17 -16.52
N ARG A 200 19.84 -17.22 -15.68
CA ARG A 200 20.72 -16.59 -14.70
C ARG A 200 20.65 -17.30 -13.34
N GLY A 201 20.02 -18.47 -13.34
CA GLY A 201 20.06 -19.40 -12.21
C GLY A 201 18.96 -19.23 -11.18
N GLY A 202 17.78 -18.76 -11.59
CA GLY A 202 16.63 -18.71 -10.68
C GLY A 202 16.08 -20.09 -10.37
N GLN A 203 15.30 -20.22 -9.30
CA GLN A 203 14.83 -21.53 -8.84
C GLN A 203 13.44 -21.82 -9.32
N GLY A 204 12.85 -20.84 -10.00
CA GLY A 204 11.51 -21.00 -10.52
C GLY A 204 10.79 -19.66 -10.56
N VAL A 205 9.48 -19.69 -10.40
CA VAL A 205 8.66 -18.48 -10.56
C VAL A 205 7.41 -18.64 -9.72
N ILE A 206 6.89 -17.51 -9.22
CA ILE A 206 5.58 -17.53 -8.60
C ILE A 206 4.69 -16.79 -9.60
N SER A 207 3.80 -17.54 -10.24
CA SER A 207 3.22 -17.18 -11.54
C SER A 207 1.76 -16.79 -11.51
N VAL A 208 1.43 -15.75 -12.27
CA VAL A 208 0.05 -15.36 -12.52
C VAL A 208 -0.55 -16.21 -13.67
N ILE A 209 0.13 -16.30 -14.81
CA ILE A 209 -0.43 -17.00 -15.99
C ILE A 209 -0.63 -18.53 -15.75
N ALA A 210 0.16 -19.11 -14.86
CA ALA A 210 0.04 -20.52 -14.46
C ALA A 210 -1.30 -20.83 -13.76
N ASN A 211 -2.04 -19.80 -13.36
CA ASN A 211 -3.46 -20.03 -13.05
C ASN A 211 -4.19 -20.74 -14.17
N VAL A 212 -3.79 -20.52 -15.43
CA VAL A 212 -4.57 -21.07 -16.58
C VAL A 212 -3.77 -21.96 -17.50
N ILE A 213 -2.45 -21.75 -17.54
CA ILE A 213 -1.60 -22.67 -18.28
C ILE A 213 -0.44 -23.26 -17.44
N PRO A 214 -0.80 -23.96 -16.33
CA PRO A 214 0.22 -24.51 -15.44
C PRO A 214 1.15 -25.54 -16.11
N LYS A 215 0.57 -26.38 -16.98
CA LYS A 215 1.30 -27.43 -17.61
C LYS A 215 2.38 -26.89 -18.54
N GLU A 216 1.99 -25.98 -19.43
CA GLU A 216 2.90 -25.41 -20.40
C GLU A 216 4.00 -24.59 -19.72
N PHE A 217 3.63 -23.83 -18.69
CA PHE A 217 4.55 -22.94 -18.01
C PHE A 217 5.59 -23.70 -17.18
N GLN A 218 5.15 -24.75 -16.46
CA GLN A 218 6.08 -25.72 -15.83
C GLN A 218 6.96 -26.51 -16.84
N ALA A 219 6.35 -26.95 -17.93
CA ALA A 219 7.09 -27.65 -18.97
C ALA A 219 8.23 -26.80 -19.53
N LEU A 220 8.01 -25.48 -19.60
CA LEU A 220 9.04 -24.56 -20.03
C LEU A 220 10.22 -24.52 -19.05
N TYR A 221 9.93 -24.38 -17.75
CA TYR A 221 10.96 -24.57 -16.71
C TYR A 221 11.73 -25.92 -16.86
N ASP A 222 10.99 -27.02 -16.99
CA ASP A 222 11.61 -28.34 -17.07
C ASP A 222 12.51 -28.44 -18.28
N ALA A 223 12.11 -27.87 -19.42
CA ALA A 223 12.97 -27.89 -20.63
C ALA A 223 14.29 -27.17 -20.36
N GLN A 224 14.21 -25.94 -19.84
CA GLN A 224 15.39 -25.14 -19.47
C GLN A 224 16.32 -25.96 -18.61
N GLN A 225 15.77 -26.63 -17.62
CA GLN A 225 16.50 -27.30 -16.54
C GLN A 225 17.20 -28.54 -17.08
N SER A 226 16.64 -29.08 -18.17
CA SER A 226 17.19 -30.28 -18.83
C SER A 226 18.27 -29.96 -19.84
N GLY A 227 18.46 -28.67 -20.09
CA GLY A 227 19.57 -28.22 -20.89
C GLY A 227 19.16 -27.74 -22.27
N LEU A 228 17.86 -27.48 -22.44
CA LEU A 228 17.27 -27.03 -23.72
C LEU A 228 17.04 -25.54 -23.73
N ASP A 229 17.10 -24.96 -24.92
CA ASP A 229 16.89 -23.53 -25.13
C ASP A 229 15.39 -23.23 -25.12
N ILE A 230 14.94 -22.31 -24.28
CA ILE A 230 13.52 -21.95 -24.30
C ILE A 230 13.19 -20.56 -24.85
N GLN A 231 14.19 -19.83 -25.30
CA GLN A 231 14.01 -18.48 -25.86
C GLN A 231 12.90 -18.45 -26.91
N ASP A 232 12.95 -19.33 -27.90
CA ASP A 232 11.89 -19.30 -28.90
C ASP A 232 10.61 -20.00 -28.44
N GLN A 233 10.77 -21.11 -27.73
CA GLN A 233 9.64 -21.87 -27.22
C GLN A 233 8.74 -20.98 -26.35
N PHE A 234 9.33 -20.00 -25.69
CA PHE A 234 8.58 -19.08 -24.86
C PHE A 234 7.57 -18.18 -25.64
N LYS A 235 7.85 -17.87 -26.89
CA LYS A 235 7.15 -16.80 -27.57
C LYS A 235 5.63 -16.88 -27.59
N PRO A 236 5.08 -18.07 -27.80
CA PRO A 236 3.61 -18.18 -27.81
C PRO A 236 3.03 -17.87 -26.43
N ILE A 237 3.80 -18.11 -25.39
CA ILE A 237 3.37 -17.75 -24.05
C ILE A 237 3.52 -16.24 -23.88
N GLY A 238 4.65 -15.69 -24.35
CA GLY A 238 4.86 -14.23 -24.31
C GLY A 238 3.78 -13.47 -25.06
N THR A 239 3.31 -14.02 -26.18
CA THR A 239 2.17 -13.45 -26.89
C THR A 239 0.93 -13.36 -25.98
N LEU A 240 0.64 -14.42 -25.22
CA LEU A 240 -0.48 -14.41 -24.32
C LEU A 240 -0.16 -13.44 -23.15
N LEU A 241 1.08 -13.45 -22.66
CA LEU A 241 1.48 -12.52 -21.62
C LEU A 241 1.29 -11.05 -22.03
N SER A 242 1.49 -10.72 -23.30
CA SER A 242 1.31 -9.37 -23.78
C SER A 242 -0.14 -8.92 -23.71
N ALA A 243 -1.05 -9.83 -24.08
CA ALA A 243 -2.48 -9.59 -23.99
C ALA A 243 -2.92 -9.47 -22.52
N LEU A 244 -2.21 -10.15 -21.63
CA LEU A 244 -2.54 -10.11 -20.20
C LEU A 244 -2.18 -8.75 -19.57
N SER A 245 -1.35 -7.97 -20.27
CA SER A 245 -0.81 -6.74 -19.74
C SER A 245 -1.75 -5.57 -20.03
N VAL A 246 -2.90 -5.86 -20.61
CA VAL A 246 -3.94 -4.85 -20.86
C VAL A 246 -4.40 -4.09 -19.59
N ASP A 247 -4.24 -4.69 -18.41
CA ASP A 247 -4.57 -3.97 -17.19
C ASP A 247 -3.80 -4.56 -16.04
N ILE A 248 -3.96 -3.96 -14.88
CA ILE A 248 -3.27 -4.36 -13.65
C ILE A 248 -3.80 -5.68 -13.17
N ASN A 249 -2.89 -6.62 -12.86
CA ASN A 249 -3.21 -7.92 -12.27
C ASN A 249 -3.83 -7.79 -10.84
N PRO A 250 -4.86 -8.61 -10.53
CA PRO A 250 -5.46 -9.70 -11.36
C PRO A 250 -6.70 -9.30 -12.25
N ILE A 251 -6.84 -8.05 -12.67
CA ILE A 251 -7.97 -7.73 -13.50
C ILE A 251 -8.02 -8.59 -14.80
N PRO A 252 -6.89 -8.75 -15.49
CA PRO A 252 -6.98 -9.57 -16.71
C PRO A 252 -7.02 -11.09 -16.45
N ILE A 253 -6.19 -11.61 -15.55
CA ILE A 253 -6.11 -13.07 -15.40
C ILE A 253 -7.47 -13.65 -15.04
N LYS A 254 -8.30 -12.92 -14.30
CA LYS A 254 -9.60 -13.43 -13.88
C LYS A 254 -10.61 -13.51 -15.04
N ALA A 255 -10.35 -12.79 -16.12
CA ALA A 255 -11.14 -12.98 -17.35
C ALA A 255 -10.90 -14.41 -17.85
N LEU A 256 -9.70 -14.97 -17.56
CA LEU A 256 -9.30 -16.28 -18.08
C LEU A 256 -9.64 -17.38 -17.08
N THR A 257 -9.44 -17.12 -15.79
CA THR A 257 -9.83 -18.15 -14.80
C THR A 257 -11.36 -18.40 -14.81
N SER A 258 -12.15 -17.35 -14.95
CA SER A 258 -13.61 -17.48 -15.07
C SER A 258 -14.01 -18.17 -16.36
N TYR A 259 -13.24 -17.93 -17.41
CA TYR A 259 -13.50 -18.56 -18.71
C TYR A 259 -13.33 -20.07 -18.63
N LEU A 260 -12.45 -20.52 -17.75
CA LEU A 260 -12.18 -21.93 -17.56
C LEU A 260 -13.15 -22.56 -16.56
N GLY A 261 -14.03 -21.74 -16.00
CA GLY A 261 -15.03 -22.20 -15.03
C GLY A 261 -14.70 -21.94 -13.58
N PHE A 262 -13.60 -21.28 -13.27
CA PHE A 262 -13.28 -21.03 -11.85
C PHE A 262 -13.90 -19.72 -11.33
N GLY A 263 -15.17 -19.76 -10.92
CA GLY A 263 -15.88 -18.60 -10.43
C GLY A 263 -16.45 -17.76 -11.58
N ASN A 264 -17.20 -16.71 -11.26
CA ASN A 264 -17.60 -15.72 -12.27
C ASN A 264 -16.47 -14.72 -12.53
N TYR A 265 -16.60 -13.97 -13.63
CA TYR A 265 -15.65 -12.89 -13.91
C TYR A 265 -16.01 -11.66 -13.05
N GLU A 266 -15.53 -11.68 -11.81
CA GLU A 266 -15.81 -10.65 -10.81
C GLU A 266 -14.51 -10.18 -10.20
N LEU A 267 -14.38 -8.86 -9.99
CA LEU A 267 -13.31 -8.31 -9.15
C LEU A 267 -13.96 -7.53 -8.03
N ARG A 268 -13.35 -7.53 -6.88
CA ARG A 268 -13.84 -6.72 -5.77
C ARG A 268 -13.27 -5.27 -5.79
N LEU A 269 -14.13 -4.29 -5.57
CA LEU A 269 -13.70 -2.92 -5.59
C LEU A 269 -12.57 -2.76 -4.57
N PRO A 270 -11.54 -1.94 -4.91
CA PRO A 270 -11.46 -0.93 -5.98
C PRO A 270 -11.16 -1.46 -7.39
N LEU A 271 -10.84 -2.74 -7.51
CA LEU A 271 -10.62 -3.33 -8.83
C LEU A 271 -11.92 -3.45 -9.59
N VAL A 272 -11.85 -3.46 -10.93
CA VAL A 272 -13.05 -3.70 -11.75
C VAL A 272 -12.67 -4.66 -12.87
N SER A 273 -13.65 -5.38 -13.42
CA SER A 273 -13.34 -6.30 -14.50
C SER A 273 -13.06 -5.53 -15.79
N LEU A 274 -12.35 -6.14 -16.73
CA LEU A 274 -12.14 -5.49 -18.04
C LEU A 274 -13.49 -5.24 -18.69
N GLU A 275 -13.58 -4.30 -19.61
CA GLU A 275 -14.84 -4.15 -20.33
C GLU A 275 -15.02 -5.25 -21.42
N ASP A 276 -16.24 -5.45 -21.91
CA ASP A 276 -16.52 -6.65 -22.70
C ASP A 276 -15.53 -6.85 -23.83
N THR A 277 -15.27 -5.79 -24.59
CA THR A 277 -14.32 -5.91 -25.70
C THR A 277 -12.98 -6.46 -25.29
N ASP A 278 -12.39 -5.93 -24.20
CA ASP A 278 -11.07 -6.38 -23.77
C ASP A 278 -11.16 -7.81 -23.26
N THR A 279 -12.27 -8.15 -22.62
CA THR A 279 -12.46 -9.49 -22.08
C THR A 279 -12.48 -10.51 -23.22
N LYS A 280 -13.31 -10.29 -24.23
CA LYS A 280 -13.33 -11.18 -25.39
C LYS A 280 -12.01 -11.23 -26.17
N VAL A 281 -11.28 -10.12 -26.24
CA VAL A 281 -9.98 -10.12 -26.92
C VAL A 281 -9.03 -11.00 -26.17
N LEU A 282 -9.06 -10.90 -24.84
CA LEU A 282 -8.11 -11.67 -24.06
C LEU A 282 -8.42 -13.16 -24.12
N ARG A 283 -9.69 -13.48 -23.94
CA ARG A 283 -10.15 -14.87 -24.09
C ARG A 283 -9.84 -15.44 -25.46
N GLU A 284 -9.95 -14.66 -26.54
CA GLU A 284 -9.60 -15.14 -27.91
C GLU A 284 -8.11 -15.48 -27.99
N THR A 285 -7.28 -14.59 -27.44
CA THR A 285 -5.84 -14.77 -27.40
C THR A 285 -5.47 -16.08 -26.72
N TYR A 286 -6.16 -16.36 -25.62
CA TYR A 286 -6.03 -17.60 -24.90
C TYR A 286 -6.37 -18.83 -25.77
N ASP A 287 -7.52 -18.79 -26.45
CA ASP A 287 -7.94 -19.87 -27.33
C ASP A 287 -6.96 -20.09 -28.47
N THR A 288 -6.38 -18.99 -28.95
CA THR A 288 -5.36 -19.09 -29.96
C THR A 288 -4.10 -19.74 -29.42
N PHE A 289 -3.71 -19.39 -28.19
CA PHE A 289 -2.58 -20.06 -27.55
C PHE A 289 -2.83 -21.57 -27.46
N LYS A 290 -3.99 -21.94 -26.93
CA LYS A 290 -4.38 -23.33 -26.81
C LYS A 290 -4.41 -24.08 -28.16
N ALA A 291 -4.94 -23.46 -29.22
CA ALA A 291 -5.19 -24.13 -30.51
C ALA A 291 -4.02 -24.96 -31.07
N MET B 1 -16.71 30.81 -0.06
CA MET B 1 -17.62 30.81 1.15
C MET B 1 -17.95 29.37 1.64
N THR B 2 -17.34 28.35 1.04
CA THR B 2 -17.83 26.98 1.26
C THR B 2 -16.79 25.86 1.46
N HIS B 3 -15.49 26.18 1.43
CA HIS B 3 -14.47 25.17 1.70
C HIS B 3 -14.53 24.86 3.18
N LEU B 4 -14.06 23.67 3.55
CA LEU B 4 -14.04 23.21 4.94
C LEU B 4 -13.13 24.10 5.78
N PHE B 5 -11.95 24.43 5.22
CA PHE B 5 -10.99 25.36 5.83
C PHE B 5 -10.09 25.92 4.73
N GLU B 6 -9.30 26.92 5.11
CA GLU B 6 -8.20 27.39 4.26
C GLU B 6 -7.00 27.56 5.18
N GLY B 7 -5.81 27.49 4.62
CA GLY B 7 -4.63 27.59 5.44
C GLY B 7 -4.14 26.20 5.81
N VAL B 8 -3.63 26.09 7.01
CA VAL B 8 -2.86 24.94 7.41
C VAL B 8 -3.76 23.99 8.21
N GLY B 9 -3.99 22.81 7.64
CA GLY B 9 -4.56 21.70 8.39
C GLY B 9 -3.39 20.89 8.88
N VAL B 10 -3.55 20.22 10.02
CA VAL B 10 -2.47 19.41 10.59
C VAL B 10 -2.77 17.90 10.45
N ALA B 11 -1.86 17.15 9.84
CA ALA B 11 -1.94 15.70 9.84
C ALA B 11 -1.36 15.20 11.16
N LEU B 12 -2.25 15.08 12.15
CA LEU B 12 -1.90 14.77 13.52
C LEU B 12 -1.23 13.43 13.71
N THR B 13 -0.09 13.47 14.41
CA THR B 13 0.58 12.28 14.84
C THR B 13 -0.17 11.58 15.98
N THR B 14 0.01 10.26 16.07
CA THR B 14 -0.50 9.50 17.21
C THR B 14 0.53 9.46 18.35
N PRO B 15 0.14 9.91 19.55
CA PRO B 15 1.11 9.89 20.65
C PRO B 15 1.13 8.54 21.34
N PHE B 16 2.29 7.89 21.40
CA PHE B 16 2.40 6.58 22.03
C PHE B 16 3.20 6.70 23.30
N THR B 17 2.85 5.85 24.26
CA THR B 17 3.58 5.73 25.51
C THR B 17 3.49 4.26 25.88
N ASN B 18 4.62 3.56 25.87
CA ASN B 18 4.57 2.10 25.95
C ASN B 18 3.55 1.53 24.97
N ASN B 19 3.63 2.00 23.73
CA ASN B 19 2.85 1.44 22.65
C ASN B 19 1.33 1.53 22.85
N LYS B 20 0.91 2.27 23.87
CA LYS B 20 -0.50 2.58 24.01
C LYS B 20 -0.73 4.04 23.61
N VAL B 21 -1.81 4.30 22.89
CA VAL B 21 -2.21 5.67 22.62
C VAL B 21 -2.36 6.45 23.93
N ASN B 22 -1.63 7.55 24.05
CA ASN B 22 -1.72 8.42 25.22
C ASN B 22 -2.83 9.47 25.05
N ILE B 23 -3.98 9.25 25.69
CA ILE B 23 -5.21 10.06 25.49
C ILE B 23 -5.06 11.48 26.02
N GLU B 24 -4.35 11.59 27.14
CA GLU B 24 -4.03 12.89 27.71
C GLU B 24 -3.03 13.71 26.87
N ALA B 25 -1.94 13.07 26.43
CA ALA B 25 -1.01 13.69 25.47
C ALA B 25 -1.70 14.12 24.17
N LEU B 26 -2.72 13.36 23.76
CA LEU B 26 -3.45 13.58 22.51
C LEU B 26 -4.32 14.82 22.66
N LYS B 27 -5.00 14.92 23.79
CA LYS B 27 -5.82 16.06 24.08
C LYS B 27 -4.97 17.31 24.16
N THR B 28 -3.79 17.17 24.76
CA THR B 28 -2.91 18.29 24.99
C THR B 28 -2.42 18.80 23.66
N HIS B 29 -2.00 17.86 22.82
CA HIS B 29 -1.54 18.16 21.47
C HIS B 29 -2.62 18.88 20.65
N VAL B 30 -3.83 18.33 20.60
CA VAL B 30 -4.92 19.01 19.90
C VAL B 30 -5.14 20.45 20.40
N ASN B 31 -5.20 20.64 21.72
CA ASN B 31 -5.37 21.97 22.30
C ASN B 31 -4.26 22.95 21.89
N PHE B 32 -3.04 22.43 21.89
CA PHE B 32 -1.87 23.19 21.49
C PHE B 32 -2.05 23.59 20.02
N LEU B 33 -2.47 22.65 19.18
CA LEU B 33 -2.70 22.98 17.79
C LEU B 33 -3.73 24.08 17.61
N LEU B 34 -4.89 23.93 18.25
CA LEU B 34 -6.01 24.85 18.13
C LEU B 34 -5.63 26.23 18.67
N GLU B 35 -4.90 26.22 19.76
CA GLU B 35 -4.45 27.44 20.36
C GLU B 35 -3.49 28.20 19.44
N ASN B 36 -2.81 27.47 18.56
CA ASN B 36 -1.79 28.06 17.69
C ASN B 36 -2.27 28.20 16.24
N ASN B 37 -3.60 28.27 16.08
CA ASN B 37 -4.23 28.72 14.85
C ASN B 37 -4.31 27.66 13.73
N ALA B 38 -4.21 26.38 14.09
CA ALA B 38 -4.43 25.30 13.14
C ALA B 38 -5.85 25.44 12.62
N GLN B 39 -6.05 25.19 11.33
CA GLN B 39 -7.33 25.49 10.70
C GLN B 39 -8.20 24.24 10.52
N ALA B 40 -7.60 23.09 10.77
CA ALA B 40 -8.25 21.80 10.59
C ALA B 40 -7.36 20.74 11.20
N ILE B 41 -7.98 19.70 11.71
CA ILE B 41 -7.24 18.54 12.22
C ILE B 41 -7.59 17.31 11.41
N ILE B 42 -6.58 16.79 10.73
CA ILE B 42 -6.71 15.56 9.96
C ILE B 42 -6.27 14.39 10.83
N VAL B 43 -7.24 13.54 11.21
CA VAL B 43 -7.04 12.45 12.16
C VAL B 43 -6.88 11.10 11.44
N ASN B 44 -5.92 10.32 11.93
CA ASN B 44 -5.62 9.00 11.43
C ASN B 44 -5.18 8.99 9.97
N GLY B 45 -4.36 9.98 9.58
CA GLY B 45 -3.75 9.94 8.25
C GLY B 45 -2.45 9.14 8.28
N THR B 46 -1.65 9.27 7.21
CA THR B 46 -0.37 8.60 7.10
C THR B 46 0.54 8.97 8.26
N THR B 47 0.55 10.26 8.58
CA THR B 47 1.36 10.80 9.67
C THR B 47 0.98 10.23 11.04
N ALA B 48 -0.25 9.76 11.18
CA ALA B 48 -0.78 9.22 12.43
C ALA B 48 -0.36 7.76 12.45
N GLU B 49 0.35 7.35 11.43
CA GLU B 49 0.73 5.96 11.42
C GLU B 49 -0.49 5.02 11.37
N SER B 50 -1.52 5.41 10.62
CA SER B 50 -2.77 4.63 10.57
C SER B 50 -2.64 3.15 10.11
N PRO B 51 -1.64 2.82 9.25
CA PRO B 51 -1.55 1.38 8.91
C PRO B 51 -1.33 0.46 10.12
N THR B 52 -0.82 1.00 11.24
CA THR B 52 -0.53 0.19 12.39
C THR B 52 -1.47 0.38 13.57
N LEU B 53 -2.51 1.21 13.42
CA LEU B 53 -3.48 1.38 14.51
C LEU B 53 -4.59 0.30 14.45
N THR B 54 -5.03 -0.23 15.60
CA THR B 54 -6.20 -1.08 15.58
C THR B 54 -7.44 -0.25 15.22
N THR B 55 -8.51 -0.90 14.75
CA THR B 55 -9.75 -0.18 14.49
C THR B 55 -10.25 0.55 15.75
N ASP B 56 -10.05 -0.10 16.89
CA ASP B 56 -10.41 0.43 18.19
C ASP B 56 -9.66 1.68 18.55
N GLU B 57 -8.36 1.66 18.32
CA GLU B 57 -7.54 2.83 18.58
C GLU B 57 -7.95 4.03 17.73
N LYS B 58 -8.16 3.79 16.44
CA LYS B 58 -8.57 4.84 15.54
C LYS B 58 -9.88 5.49 15.99
N GLU B 59 -10.83 4.68 16.43
CA GLU B 59 -12.14 5.16 16.87
C GLU B 59 -12.05 5.97 18.16
N ARG B 60 -11.30 5.45 19.13
CA ARG B 60 -11.03 6.12 20.38
C ARG B 60 -10.38 7.49 20.14
N ILE B 61 -9.33 7.50 19.33
CA ILE B 61 -8.63 8.72 19.00
C ILE B 61 -9.55 9.74 18.28
N LEU B 62 -10.27 9.27 17.27
CA LEU B 62 -11.20 10.13 16.51
C LEU B 62 -12.25 10.77 17.44
N LYS B 63 -12.92 9.93 18.22
CA LYS B 63 -13.91 10.44 19.14
C LYS B 63 -13.28 11.41 20.16
N THR B 64 -12.04 11.18 20.55
CA THR B 64 -11.38 12.09 21.46
C THR B 64 -11.12 13.48 20.87
N VAL B 65 -10.58 13.53 19.67
CA VAL B 65 -10.35 14.76 18.95
C VAL B 65 -11.68 15.47 18.61
N ILE B 66 -12.69 14.72 18.20
CA ILE B 66 -13.99 15.29 17.90
C ILE B 66 -14.60 16.04 19.10
N ASP B 67 -14.64 15.37 20.26
CA ASP B 67 -15.28 15.91 21.48
C ASP B 67 -14.50 17.09 22.04
N LEU B 68 -13.17 16.98 22.05
CA LEU B 68 -12.31 18.10 22.46
C LEU B 68 -12.50 19.31 21.52
N VAL B 69 -12.19 19.13 20.25
CA VAL B 69 -12.31 20.22 19.25
C VAL B 69 -13.66 20.93 19.39
N ASP B 70 -14.71 20.16 19.66
CA ASP B 70 -16.04 20.72 19.88
C ASP B 70 -16.46 21.67 18.72
N LYS B 71 -16.23 21.23 17.48
CA LYS B 71 -16.63 21.96 16.28
C LYS B 71 -15.92 23.31 16.09
N ARG B 72 -14.77 23.54 16.73
CA ARG B 72 -14.03 24.80 16.57
C ARG B 72 -13.31 24.90 15.22
N VAL B 73 -12.86 23.76 14.72
CA VAL B 73 -12.37 23.63 13.35
C VAL B 73 -12.89 22.28 12.85
N PRO B 74 -12.75 22.04 11.53
CA PRO B 74 -13.16 20.73 11.00
C PRO B 74 -12.22 19.63 11.52
N VAL B 75 -12.83 18.52 11.94
CA VAL B 75 -12.14 17.27 12.20
C VAL B 75 -12.32 16.37 10.98
N ILE B 76 -11.19 16.15 10.31
CA ILE B 76 -11.20 15.37 9.09
C ILE B 76 -10.63 13.98 9.35
N ALA B 77 -11.46 12.96 9.18
CA ALA B 77 -11.11 11.61 9.58
C ALA B 77 -10.54 10.85 8.37
N GLY B 78 -9.29 10.41 8.45
CA GLY B 78 -8.75 9.51 7.41
C GLY B 78 -9.37 8.12 7.55
N THR B 79 -10.16 7.70 6.58
CA THR B 79 -10.87 6.42 6.73
C THR B 79 -10.64 5.48 5.54
N GLY B 80 -9.99 6.00 4.51
CA GLY B 80 -9.77 5.29 3.24
C GLY B 80 -8.62 4.30 3.27
N THR B 81 -8.88 3.15 2.68
CA THR B 81 -7.90 2.10 2.50
C THR B 81 -7.98 1.63 1.02
N ASN B 82 -7.31 0.52 0.76
CA ASN B 82 -7.30 -0.13 -0.54
C ASN B 82 -8.40 -1.21 -0.66
N ASP B 83 -9.34 -1.22 0.28
CA ASP B 83 -10.52 -2.08 0.32
C ASP B 83 -11.72 -1.11 0.41
N THR B 84 -12.54 -1.07 -0.65
CA THR B 84 -13.67 -0.14 -0.73
C THR B 84 -14.71 -0.42 0.36
N GLU B 85 -15.06 -1.69 0.54
CA GLU B 85 -16.04 -2.08 1.59
C GLU B 85 -15.55 -1.63 2.98
N LYS B 86 -14.32 -1.98 3.36
CA LYS B 86 -13.76 -1.44 4.62
C LYS B 86 -13.69 0.07 4.71
N SER B 87 -13.34 0.76 3.61
CA SER B 87 -13.40 2.24 3.57
C SER B 87 -14.80 2.80 3.79
N ILE B 88 -15.80 2.17 3.18
CA ILE B 88 -17.16 2.54 3.44
C ILE B 88 -17.50 2.37 4.91
N GLN B 89 -17.25 1.19 5.46
CA GLN B 89 -17.61 0.96 6.87
C GLN B 89 -16.88 1.87 7.85
N ALA B 90 -15.57 2.07 7.69
CA ALA B 90 -14.87 3.03 8.56
C ALA B 90 -15.39 4.49 8.42
N SER B 91 -15.80 4.88 7.22
CA SER B 91 -16.30 6.22 6.95
C SER B 91 -17.66 6.44 7.59
N ILE B 92 -18.52 5.43 7.53
CA ILE B 92 -19.81 5.47 8.20
C ILE B 92 -19.64 5.59 9.72
N GLN B 93 -18.65 4.90 10.26
CA GLN B 93 -18.39 4.98 11.68
C GLN B 93 -17.81 6.36 12.03
N ALA B 94 -16.97 6.92 11.17
CA ALA B 94 -16.45 8.29 11.41
C ALA B 94 -17.58 9.35 11.38
N LYS B 95 -18.48 9.23 10.42
CA LYS B 95 -19.66 10.08 10.43
C LYS B 95 -20.49 9.93 11.72
N ALA B 96 -20.71 8.69 12.19
CA ALA B 96 -21.45 8.47 13.45
C ALA B 96 -20.74 9.11 14.65
N LEU B 97 -19.42 9.15 14.61
CA LEU B 97 -18.66 9.69 15.73
C LEU B 97 -18.65 11.23 15.70
N GLY B 98 -18.99 11.84 14.56
CA GLY B 98 -19.15 13.29 14.47
C GLY B 98 -18.06 13.98 13.69
N ALA B 99 -17.37 13.22 12.84
CA ALA B 99 -16.39 13.81 11.94
C ALA B 99 -17.09 14.81 11.02
N ASP B 100 -16.37 15.89 10.67
CA ASP B 100 -16.88 16.87 9.72
C ASP B 100 -16.62 16.50 8.25
N ALA B 101 -15.59 15.70 8.03
CA ALA B 101 -15.25 15.25 6.68
C ALA B 101 -14.46 13.98 6.84
N ILE B 102 -14.33 13.23 5.74
CA ILE B 102 -13.41 12.08 5.63
C ILE B 102 -12.34 12.35 4.55
N MET B 103 -11.15 11.80 4.76
CA MET B 103 -10.08 11.81 3.76
C MET B 103 -9.91 10.39 3.19
N LEU B 104 -9.87 10.30 1.87
CA LEU B 104 -9.70 9.02 1.20
C LEU B 104 -8.49 8.98 0.28
N ILE B 105 -7.50 8.21 0.68
CA ILE B 105 -6.40 7.98 -0.19
C ILE B 105 -6.84 7.12 -1.43
N THR B 106 -6.07 7.17 -2.52
CA THR B 106 -6.24 6.18 -3.60
C THR B 106 -5.92 4.77 -3.05
N PRO B 107 -6.41 3.72 -3.72
CA PRO B 107 -5.84 2.41 -3.38
C PRO B 107 -4.33 2.38 -3.61
N TYR B 108 -3.69 1.37 -3.05
CA TYR B 108 -2.26 1.24 -3.03
C TYR B 108 -2.07 -0.24 -2.83
N TYR B 109 -0.92 -0.72 -3.28
CA TYR B 109 -0.59 -2.16 -3.32
C TYR B 109 -1.39 -2.92 -4.38
N ASN B 110 -2.71 -3.03 -4.23
CA ASN B 110 -3.55 -3.55 -5.33
C ASN B 110 -3.60 -2.53 -6.49
N LYS B 111 -3.66 -1.24 -6.14
CA LYS B 111 -3.88 -0.16 -7.13
C LYS B 111 -5.25 -0.35 -7.84
N THR B 112 -5.55 0.46 -8.85
CA THR B 112 -6.69 0.20 -9.74
C THR B 112 -6.51 1.10 -10.98
N ASN B 113 -7.31 0.87 -12.00
CA ASN B 113 -7.30 1.78 -13.14
C ASN B 113 -8.17 3.02 -12.78
N GLN B 114 -8.28 4.00 -13.69
CA GLN B 114 -8.95 5.26 -13.39
C GLN B 114 -10.45 5.05 -13.26
N ARG B 115 -10.97 4.13 -14.07
CA ARG B 115 -12.37 3.71 -14.01
C ARG B 115 -12.77 3.16 -12.62
N GLY B 116 -12.03 2.16 -12.14
CA GLY B 116 -12.33 1.59 -10.84
C GLY B 116 -12.06 2.59 -9.72
N LEU B 117 -11.15 3.51 -9.96
CA LEU B 117 -10.84 4.56 -8.99
C LEU B 117 -12.03 5.50 -8.81
N VAL B 118 -12.68 5.86 -9.90
CA VAL B 118 -13.93 6.59 -9.78
C VAL B 118 -15.01 5.76 -9.02
N LYS B 119 -15.20 4.48 -9.37
CA LYS B 119 -16.19 3.64 -8.62
C LYS B 119 -15.90 3.57 -7.12
N HIS B 120 -14.61 3.46 -6.79
CA HIS B 120 -14.20 3.36 -5.41
C HIS B 120 -14.58 4.62 -4.66
N PHE B 121 -14.11 5.77 -5.13
CA PHE B 121 -14.42 7.03 -4.42
C PHE B 121 -15.90 7.36 -4.37
N GLU B 122 -16.60 7.14 -5.48
CA GLU B 122 -18.00 7.40 -5.58
C GLU B 122 -18.83 6.51 -4.69
N ALA B 123 -18.43 5.25 -4.55
CA ALA B 123 -19.18 4.36 -3.66
C ALA B 123 -19.00 4.80 -2.21
N ILE B 124 -17.80 5.23 -1.86
CA ILE B 124 -17.60 5.66 -0.50
C ILE B 124 -18.41 6.92 -0.25
N ALA B 125 -18.27 7.91 -1.13
CA ALA B 125 -19.00 9.21 -1.00
C ALA B 125 -20.51 9.01 -0.99
N ASP B 126 -21.00 8.11 -1.83
CA ASP B 126 -22.42 7.78 -1.85
C ASP B 126 -22.88 7.17 -0.53
N ALA B 127 -22.08 6.24 0.00
CA ALA B 127 -22.41 5.54 1.26
C ALA B 127 -22.40 6.47 2.49
N VAL B 128 -21.46 7.40 2.57
CA VAL B 128 -21.27 8.15 3.82
C VAL B 128 -21.99 9.50 3.84
N LYS B 129 -22.14 10.10 2.65
CA LYS B 129 -22.83 11.39 2.54
C LYS B 129 -22.25 12.41 3.51
N LEU B 130 -20.94 12.52 3.48
CA LEU B 130 -20.22 13.51 4.26
C LEU B 130 -19.14 14.08 3.35
N PRO B 131 -18.71 15.34 3.58
CA PRO B 131 -17.66 15.87 2.68
C PRO B 131 -16.40 14.98 2.62
N VAL B 132 -15.86 14.85 1.42
CA VAL B 132 -14.72 14.00 1.13
C VAL B 132 -13.53 14.78 0.59
N VAL B 133 -12.35 14.55 1.19
CA VAL B 133 -11.09 15.04 0.68
C VAL B 133 -10.42 13.81 0.05
N LEU B 134 -10.21 13.84 -1.27
CA LEU B 134 -9.40 12.84 -1.93
C LEU B 134 -7.94 13.06 -1.53
N TYR B 135 -7.12 12.03 -1.69
CA TYR B 135 -5.76 12.19 -1.26
C TYR B 135 -4.92 11.39 -2.21
N ASN B 136 -4.09 12.13 -2.94
CA ASN B 136 -3.25 11.60 -3.99
C ASN B 136 -1.77 11.72 -3.63
N VAL B 137 -1.11 10.57 -3.46
CA VAL B 137 0.31 10.53 -3.01
C VAL B 137 1.06 9.43 -3.77
N PRO B 138 1.42 9.73 -5.03
CA PRO B 138 2.02 8.70 -5.86
C PRO B 138 3.32 8.09 -5.29
N SER B 139 4.09 8.83 -4.50
CA SER B 139 5.34 8.26 -3.93
C SER B 139 5.06 7.10 -2.94
N ARG B 140 3.83 7.02 -2.44
CA ARG B 140 3.39 5.91 -1.55
C ARG B 140 2.46 4.90 -2.24
N THR B 141 1.76 5.29 -3.28
CA THR B 141 0.77 4.40 -3.87
C THR B 141 1.18 3.90 -5.25
N ASN B 142 2.14 4.58 -5.87
CA ASN B 142 2.46 4.30 -7.24
C ASN B 142 1.29 4.36 -8.23
N MET B 143 0.28 5.17 -7.92
CA MET B 143 -0.79 5.47 -8.84
C MET B 143 -1.19 6.90 -8.63
N THR B 144 -2.09 7.40 -9.46
CA THR B 144 -2.44 8.81 -9.36
C THR B 144 -3.93 9.00 -9.59
N ILE B 145 -4.43 10.23 -9.34
CA ILE B 145 -5.75 10.60 -9.81
C ILE B 145 -5.52 11.54 -10.97
N GLU B 146 -5.81 11.09 -12.21
CA GLU B 146 -5.50 11.91 -13.39
C GLU B 146 -6.28 13.20 -13.34
N PRO B 147 -5.76 14.26 -13.97
CA PRO B 147 -6.51 15.52 -13.90
C PRO B 147 -7.96 15.34 -14.38
N GLU B 148 -8.17 14.58 -15.45
CA GLU B 148 -9.52 14.28 -15.94
C GLU B 148 -10.38 13.56 -14.90
N THR B 149 -9.76 12.61 -14.20
CA THR B 149 -10.41 11.88 -13.14
C THR B 149 -10.85 12.78 -11.98
N VAL B 150 -9.98 13.72 -11.58
CA VAL B 150 -10.31 14.73 -10.57
C VAL B 150 -11.47 15.58 -11.02
N GLU B 151 -11.52 15.90 -12.32
CA GLU B 151 -12.65 16.60 -12.90
C GLU B 151 -13.98 15.89 -12.63
N ILE B 152 -14.03 14.62 -13.03
CA ILE B 152 -15.16 13.72 -12.82
C ILE B 152 -15.62 13.62 -11.35
N LEU B 153 -14.65 13.35 -10.47
CA LEU B 153 -14.94 13.24 -9.06
C LEU B 153 -15.43 14.55 -8.42
N SER B 154 -14.93 15.69 -8.90
CA SER B 154 -15.33 17.00 -8.38
C SER B 154 -16.82 17.25 -8.58
N GLN B 155 -17.41 16.57 -9.57
CA GLN B 155 -18.85 16.72 -9.87
C GLN B 155 -19.78 16.01 -8.87
N HIS B 156 -19.23 15.13 -8.05
CA HIS B 156 -19.99 14.55 -6.95
C HIS B 156 -20.23 15.63 -5.89
N PRO B 157 -21.49 15.74 -5.39
CA PRO B 157 -21.82 16.81 -4.46
C PRO B 157 -21.02 16.70 -3.19
N TYR B 158 -20.63 15.48 -2.83
CA TYR B 158 -19.89 15.26 -1.58
C TYR B 158 -18.37 15.28 -1.67
N ILE B 159 -17.82 15.26 -2.88
CA ILE B 159 -16.35 15.24 -3.05
C ILE B 159 -15.85 16.64 -3.32
N VAL B 160 -15.11 17.21 -2.35
CA VAL B 160 -14.97 18.66 -2.27
C VAL B 160 -13.55 19.24 -2.27
N ALA B 161 -12.54 18.38 -2.13
CA ALA B 161 -11.16 18.84 -2.05
C ALA B 161 -10.25 17.68 -2.42
N LEU B 162 -8.99 18.04 -2.65
CA LEU B 162 -7.94 17.12 -2.97
C LEU B 162 -6.74 17.53 -2.13
N LYS B 163 -6.15 16.59 -1.44
CA LYS B 163 -4.87 16.80 -0.84
C LYS B 163 -3.88 16.24 -1.85
N ASP B 164 -3.11 17.14 -2.43
CA ASP B 164 -2.33 16.85 -3.62
C ASP B 164 -0.87 16.74 -3.20
N ALA B 165 -0.39 15.50 -3.03
CA ALA B 165 0.99 15.30 -2.61
C ALA B 165 1.84 14.85 -3.78
N THR B 166 1.46 15.23 -5.01
CA THR B 166 2.26 14.88 -6.20
C THR B 166 3.56 15.69 -6.31
N ASN B 167 3.58 16.90 -5.74
CA ASN B 167 4.73 17.81 -5.92
C ASN B 167 5.05 18.04 -7.40
N ASP B 168 4.00 18.09 -8.21
CA ASP B 168 4.09 18.21 -9.65
C ASP B 168 3.27 19.43 -10.09
N PHE B 169 3.94 20.47 -10.56
CA PHE B 169 3.22 21.71 -10.81
C PHE B 169 2.61 21.73 -12.18
N GLU B 170 3.03 20.82 -13.06
CA GLU B 170 2.33 20.64 -14.33
C GLU B 170 0.98 20.03 -14.02
N TYR B 171 1.00 19.04 -13.13
CA TYR B 171 -0.22 18.39 -12.63
C TYR B 171 -1.19 19.38 -11.98
N LEU B 172 -0.69 20.21 -11.04
CA LEU B 172 -1.50 21.30 -10.45
C LEU B 172 -2.21 22.12 -11.54
N GLU B 173 -1.46 22.59 -12.53
CA GLU B 173 -2.03 23.42 -13.55
C GLU B 173 -3.05 22.68 -14.41
N GLU B 174 -2.79 21.40 -14.67
CA GLU B 174 -3.72 20.56 -15.42
C GLU B 174 -5.04 20.42 -14.64
N VAL B 175 -4.94 20.16 -13.35
CA VAL B 175 -6.10 20.08 -12.44
C VAL B 175 -6.83 21.42 -12.36
N LYS B 176 -6.10 22.51 -12.12
CA LYS B 176 -6.73 23.85 -12.10
C LYS B 176 -7.49 24.11 -13.38
N LYS B 177 -7.02 23.54 -14.48
CA LYS B 177 -7.69 23.79 -15.77
C LYS B 177 -9.06 23.11 -15.84
N ARG B 178 -9.29 22.13 -14.95
CA ARG B 178 -10.44 21.23 -15.00
C ARG B 178 -11.41 21.41 -13.83
N ILE B 179 -10.94 21.99 -12.72
CA ILE B 179 -11.80 22.24 -11.57
C ILE B 179 -11.96 23.73 -11.29
N ASP B 180 -13.04 24.07 -10.59
CA ASP B 180 -13.26 25.42 -10.07
C ASP B 180 -12.78 25.51 -8.61
N THR B 181 -11.77 26.35 -8.33
CA THR B 181 -11.14 26.28 -7.01
C THR B 181 -11.96 26.97 -5.91
N ASN B 182 -12.96 27.74 -6.33
CA ASN B 182 -13.98 28.27 -5.44
C ASN B 182 -14.90 27.20 -4.87
N SER B 183 -15.05 26.07 -5.56
CA SER B 183 -15.93 25.04 -5.01
C SER B 183 -15.19 23.74 -4.72
N PHE B 184 -14.00 23.59 -5.30
CA PHE B 184 -13.25 22.38 -5.10
C PHE B 184 -11.85 22.77 -4.59
N ALA B 185 -11.55 22.44 -3.34
CA ALA B 185 -10.30 22.94 -2.76
C ALA B 185 -9.09 22.11 -3.08
N LEU B 186 -7.99 22.83 -3.29
CA LEU B 186 -6.70 22.18 -3.53
C LEU B 186 -5.71 22.44 -2.39
N TYR B 187 -5.38 21.40 -1.62
CA TYR B 187 -4.44 21.53 -0.51
C TYR B 187 -3.17 20.81 -0.85
N SER B 188 -2.03 21.47 -0.72
CA SER B 188 -0.75 20.76 -0.82
C SER B 188 -0.71 19.66 0.26
N GLY B 189 -0.28 18.46 -0.15
CA GLY B 189 0.15 17.47 0.82
C GLY B 189 1.67 17.43 0.98
N ASN B 190 2.38 18.48 0.60
CA ASN B 190 3.85 18.49 0.71
C ASN B 190 4.32 19.88 1.24
N ASP B 191 4.74 19.89 2.51
CA ASP B 191 5.15 21.08 3.24
C ASP B 191 6.17 21.90 2.46
N ASP B 192 7.10 21.23 1.80
CA ASP B 192 8.14 22.05 1.20
C ASP B 192 7.82 22.76 -0.12
N ASN B 193 6.62 22.54 -0.69
CA ASN B 193 6.27 23.21 -1.93
C ASN B 193 5.29 24.36 -1.74
N VAL B 194 4.98 24.71 -0.48
CA VAL B 194 3.91 25.70 -0.17
C VAL B 194 4.05 27.09 -0.79
N VAL B 195 5.27 27.64 -0.82
CA VAL B 195 5.46 28.97 -1.39
C VAL B 195 4.89 28.97 -2.81
N GLU B 196 5.32 28.01 -3.62
CA GLU B 196 4.79 27.93 -4.97
C GLU B 196 3.31 27.48 -5.02
N TYR B 197 2.92 26.57 -4.13
CA TYR B 197 1.56 26.06 -4.14
C TYR B 197 0.57 27.18 -3.89
N TYR B 198 0.85 28.03 -2.90
CA TYR B 198 -0.03 29.16 -2.52
C TYR B 198 -0.04 30.22 -3.59
N GLN B 199 1.13 30.46 -4.12
CA GLN B 199 1.33 31.35 -5.26
C GLN B 199 0.55 30.91 -6.49
N ARG B 200 0.36 29.63 -6.66
CA ARG B 200 -0.37 29.11 -7.80
C ARG B 200 -1.88 28.93 -7.53
N GLY B 201 -2.36 29.50 -6.42
CA GLY B 201 -3.79 29.53 -6.12
C GLY B 201 -4.33 28.38 -5.29
N GLY B 202 -3.45 27.70 -4.53
CA GLY B 202 -3.88 26.60 -3.66
C GLY B 202 -4.68 27.09 -2.46
N GLN B 203 -5.53 26.25 -1.87
CA GLN B 203 -6.39 26.68 -0.75
C GLN B 203 -5.71 26.54 0.63
N GLY B 204 -4.54 25.91 0.66
CA GLY B 204 -3.87 25.61 1.92
C GLY B 204 -2.93 24.41 1.82
N VAL B 205 -2.74 23.72 2.94
CA VAL B 205 -1.79 22.61 3.02
C VAL B 205 -2.32 21.68 4.11
N ILE B 206 -2.22 20.37 3.90
CA ILE B 206 -2.41 19.43 5.02
C ILE B 206 -1.03 19.01 5.44
N SER B 207 -0.61 19.45 6.63
CA SER B 207 0.79 19.58 6.99
C SER B 207 1.34 18.58 8.00
N VAL B 208 2.58 18.13 7.74
CA VAL B 208 3.34 17.37 8.70
C VAL B 208 4.04 18.24 9.75
N ILE B 209 4.82 19.23 9.32
CA ILE B 209 5.60 20.04 10.23
C ILE B 209 4.73 20.91 11.16
N ALA B 210 3.51 21.23 10.74
CA ALA B 210 2.57 21.98 11.59
C ALA B 210 2.10 21.23 12.87
N ASN B 211 2.42 19.93 12.98
CA ASN B 211 2.37 19.20 14.26
C ASN B 211 3.20 19.89 15.34
N VAL B 212 4.30 20.51 14.93
CA VAL B 212 5.15 21.16 15.89
C VAL B 212 5.23 22.69 15.72
N ILE B 213 5.03 23.19 14.49
CA ILE B 213 5.05 24.66 14.30
C ILE B 213 3.78 25.19 13.65
N PRO B 214 2.62 24.84 14.22
CA PRO B 214 1.33 25.30 13.67
C PRO B 214 1.24 26.83 13.50
N LYS B 215 1.71 27.58 14.50
CA LYS B 215 1.63 29.04 14.48
C LYS B 215 2.39 29.71 13.32
N GLU B 216 3.67 29.35 13.22
CA GLU B 216 4.55 29.86 12.21
C GLU B 216 4.07 29.43 10.84
N PHE B 217 3.71 28.17 10.72
CA PHE B 217 3.26 27.65 9.43
C PHE B 217 1.93 28.27 8.96
N GLN B 218 0.98 28.45 9.87
CA GLN B 218 -0.22 29.20 9.50
C GLN B 218 0.11 30.69 9.17
N ALA B 219 1.07 31.29 9.89
CA ALA B 219 1.38 32.71 9.67
C ALA B 219 2.01 32.94 8.29
N LEU B 220 2.73 31.94 7.79
CA LEU B 220 3.28 31.99 6.44
C LEU B 220 2.18 32.03 5.39
N TYR B 221 1.17 31.17 5.53
CA TYR B 221 0.00 31.21 4.66
C TYR B 221 -0.71 32.57 4.76
N ASP B 222 -0.93 33.06 5.98
CA ASP B 222 -1.57 34.38 6.19
C ASP B 222 -0.77 35.53 5.58
N ALA B 223 0.55 35.45 5.66
CA ALA B 223 1.40 36.52 5.16
C ALA B 223 1.17 36.65 3.66
N GLN B 224 1.26 35.53 2.96
CA GLN B 224 1.02 35.57 1.52
C GLN B 224 -0.43 35.96 1.15
N GLN B 225 -1.44 35.60 1.95
CA GLN B 225 -2.81 36.03 1.59
C GLN B 225 -2.97 37.52 1.71
N SER B 226 -2.22 38.12 2.62
CA SER B 226 -2.28 39.56 2.79
C SER B 226 -1.45 40.29 1.72
N GLY B 227 -0.83 39.58 0.79
CA GLY B 227 -0.10 40.26 -0.29
C GLY B 227 1.39 40.41 -0.06
N LEU B 228 1.94 39.70 0.91
CA LEU B 228 3.37 39.73 1.17
C LEU B 228 4.08 38.56 0.45
N ASP B 229 5.34 38.74 0.08
CA ASP B 229 6.12 37.66 -0.54
C ASP B 229 6.69 36.82 0.58
N ILE B 230 6.60 35.50 0.45
CA ILE B 230 7.04 34.58 1.50
C ILE B 230 8.15 33.67 1.01
N GLN B 231 8.62 33.89 -0.20
CA GLN B 231 9.71 33.13 -0.76
C GLN B 231 10.93 33.11 0.17
N ASP B 232 11.36 34.27 0.64
CA ASP B 232 12.52 34.35 1.53
C ASP B 232 12.14 34.00 2.97
N GLN B 233 10.96 34.44 3.40
CA GLN B 233 10.48 34.16 4.72
C GLN B 233 10.35 32.66 5.01
N PHE B 234 10.09 31.87 3.96
CA PHE B 234 9.96 30.40 4.08
C PHE B 234 11.28 29.67 4.38
N LYS B 235 12.42 30.25 4.00
CA LYS B 235 13.71 29.53 4.08
C LYS B 235 14.11 28.97 5.46
N PRO B 236 13.91 29.76 6.54
CA PRO B 236 14.10 29.17 7.87
C PRO B 236 13.26 27.88 8.14
N ILE B 237 12.02 27.87 7.65
CA ILE B 237 11.18 26.68 7.69
C ILE B 237 11.71 25.58 6.75
N GLY B 238 12.12 25.96 5.55
CA GLY B 238 12.76 24.99 4.66
C GLY B 238 13.95 24.34 5.34
N THR B 239 14.71 25.11 6.09
CA THR B 239 15.87 24.52 6.77
C THR B 239 15.45 23.40 7.69
N LEU B 240 14.39 23.65 8.45
CA LEU B 240 13.81 22.67 9.35
C LEU B 240 13.28 21.49 8.55
N LEU B 241 12.74 21.76 7.36
CA LEU B 241 12.20 20.71 6.51
C LEU B 241 13.29 19.85 5.89
N SER B 242 14.46 20.44 5.63
CA SER B 242 15.59 19.61 5.19
C SER B 242 15.99 18.63 6.27
N ALA B 243 16.03 19.07 7.52
CA ALA B 243 16.37 18.14 8.61
C ALA B 243 15.34 17.01 8.71
N LEU B 244 14.06 17.34 8.52
CA LEU B 244 12.96 16.38 8.62
C LEU B 244 12.98 15.30 7.52
N SER B 245 13.66 15.58 6.42
CA SER B 245 13.66 14.64 5.30
C SER B 245 14.66 13.53 5.56
N VAL B 246 15.30 13.52 6.73
CA VAL B 246 16.30 12.49 7.07
C VAL B 246 15.70 11.08 6.90
N ASP B 247 14.39 10.96 7.11
CA ASP B 247 13.77 9.66 6.96
C ASP B 247 12.32 9.76 6.57
N ILE B 248 11.67 8.61 6.35
CA ILE B 248 10.32 8.56 5.85
C ILE B 248 9.37 8.99 6.96
N ASN B 249 8.52 9.97 6.66
CA ASN B 249 7.48 10.43 7.55
C ASN B 249 6.51 9.30 7.96
N PRO B 250 6.10 9.25 9.26
CA PRO B 250 6.38 10.19 10.37
C PRO B 250 7.55 9.86 11.28
N ILE B 251 8.55 9.13 10.77
CA ILE B 251 9.65 8.72 11.63
C ILE B 251 10.37 9.95 12.24
N PRO B 252 10.65 10.98 11.41
CA PRO B 252 11.28 12.20 11.98
C PRO B 252 10.34 13.10 12.78
N ILE B 253 9.14 13.39 12.26
CA ILE B 253 8.27 14.33 12.97
C ILE B 253 7.95 13.87 14.40
N LYS B 254 7.89 12.55 14.62
CA LYS B 254 7.68 12.03 15.98
C LYS B 254 8.85 12.26 16.94
N ALA B 255 10.07 12.43 16.42
CA ALA B 255 11.18 12.86 17.24
C ALA B 255 10.86 14.22 17.87
N LEU B 256 10.11 15.05 17.14
CA LEU B 256 9.79 16.41 17.59
C LEU B 256 8.48 16.49 18.40
N THR B 257 7.46 15.70 18.05
CA THR B 257 6.23 15.73 18.85
C THR B 257 6.45 15.20 20.29
N SER B 258 7.39 14.27 20.44
CA SER B 258 7.76 13.75 21.73
C SER B 258 8.54 14.84 22.45
N TYR B 259 9.41 15.52 21.71
CA TYR B 259 10.27 16.52 22.29
C TYR B 259 9.44 17.63 22.90
N LEU B 260 8.24 17.84 22.39
CA LEU B 260 7.36 18.83 22.96
C LEU B 260 6.43 18.18 24.00
N GLY B 261 6.66 16.91 24.32
CA GLY B 261 5.88 16.23 25.35
C GLY B 261 4.58 15.60 24.88
N PHE B 262 4.39 15.46 23.56
CA PHE B 262 3.21 14.78 23.02
C PHE B 262 3.46 13.29 22.80
N GLY B 263 3.44 12.55 23.88
CA GLY B 263 3.82 11.15 23.86
C GLY B 263 5.33 10.94 23.92
N ASN B 264 5.73 9.67 23.93
CA ASN B 264 7.14 9.28 23.88
C ASN B 264 7.61 9.23 22.44
N TYR B 265 8.91 9.05 22.23
CA TYR B 265 9.40 8.88 20.87
C TYR B 265 9.30 7.40 20.45
N GLU B 266 8.12 7.00 19.98
CA GLU B 266 7.85 5.60 19.68
C GLU B 266 7.18 5.52 18.32
N LEU B 267 7.63 4.58 17.48
CA LEU B 267 6.93 4.26 16.23
C LEU B 267 6.61 2.78 16.27
N ARG B 268 5.47 2.39 15.69
CA ARG B 268 5.11 1.00 15.60
C ARG B 268 5.75 0.33 14.37
N LEU B 269 6.39 -0.82 14.57
CA LEU B 269 6.96 -1.57 13.45
C LEU B 269 5.86 -1.70 12.38
N PRO B 270 6.21 -1.57 11.09
CA PRO B 270 7.54 -1.62 10.47
C PRO B 270 8.38 -0.36 10.52
N LEU B 271 7.83 0.75 11.01
CA LEU B 271 8.60 1.95 11.31
C LEU B 271 9.48 1.76 12.56
N VAL B 272 10.60 2.49 12.63
CA VAL B 272 11.48 2.55 13.76
C VAL B 272 11.90 4.00 13.97
N SER B 273 12.34 4.35 15.19
CA SER B 273 12.71 5.74 15.41
C SER B 273 14.09 5.96 14.84
N LEU B 274 14.38 7.21 14.55
CA LEU B 274 15.70 7.67 14.24
C LEU B 274 16.62 7.16 15.35
N GLU B 275 17.88 6.87 15.06
CA GLU B 275 18.80 6.62 16.17
C GLU B 275 19.13 7.91 16.91
N ASP B 276 19.69 7.77 18.12
CA ASP B 276 19.83 8.91 19.05
C ASP B 276 20.45 10.21 18.52
N THR B 277 21.47 10.14 17.69
CA THR B 277 22.08 11.40 17.28
C THR B 277 21.30 12.14 16.20
N ASP B 278 20.66 11.40 15.29
CA ASP B 278 19.80 12.02 14.30
C ASP B 278 18.59 12.57 15.01
N THR B 279 18.18 11.94 16.10
CA THR B 279 17.11 12.51 16.95
C THR B 279 17.50 13.87 17.57
N LYS B 280 18.74 13.98 18.02
CA LYS B 280 19.24 15.20 18.63
C LYS B 280 19.51 16.29 17.58
N VAL B 281 20.17 15.92 16.50
CA VAL B 281 20.43 16.86 15.42
C VAL B 281 19.09 17.49 14.98
N LEU B 282 18.07 16.67 14.80
CA LEU B 282 16.74 17.15 14.44
C LEU B 282 16.10 18.04 15.53
N ARG B 283 16.25 17.68 16.80
CA ARG B 283 15.66 18.49 17.87
C ARG B 283 16.31 19.85 18.00
N GLU B 284 17.60 19.95 17.65
CA GLU B 284 18.40 21.18 17.76
C GLU B 284 18.09 22.08 16.60
N THR B 285 17.86 21.45 15.46
CA THR B 285 17.43 22.18 14.26
C THR B 285 16.12 22.88 14.53
N TYR B 286 15.23 22.20 15.24
CA TYR B 286 13.97 22.80 15.63
C TYR B 286 14.18 23.95 16.66
N ASP B 287 15.04 23.76 17.67
CA ASP B 287 15.27 24.83 18.66
C ASP B 287 15.91 26.05 18.02
N THR B 288 16.82 25.82 17.08
CA THR B 288 17.39 26.91 16.30
C THR B 288 16.27 27.66 15.58
N PHE B 289 15.37 26.92 14.96
CA PHE B 289 14.28 27.56 14.28
C PHE B 289 13.45 28.39 15.27
N LYS B 290 13.10 27.79 16.41
CA LYS B 290 12.33 28.50 17.42
C LYS B 290 13.09 29.71 17.98
N ALA B 291 14.40 29.57 18.14
CA ALA B 291 15.22 30.64 18.70
C ALA B 291 15.08 31.91 17.88
C PYR C . 1.38 -12.76 -6.01
O PYR C . 1.36 -12.61 -4.70
OXT PYR C . 0.25 -12.68 -6.69
CA PYR C . 2.58 -13.02 -6.72
CB PYR C . 2.45 -13.20 -8.23
C PYR D . -1.17 12.62 5.80
O PYR D . -2.23 11.81 5.72
OXT PYR D . -0.20 12.38 6.71
CA PYR D . -1.06 13.77 4.97
CB PYR D . 0.16 14.67 5.21
#